data_2M1G
#
_entry.id   2M1G
#
_entity_poly.entity_id   1
_entity_poly.type   'polydeoxyribonucleotide'
_entity_poly.pdbx_seq_one_letter_code
;(DT)(DA)(DG)(DG)(DG)(DT)(DT)(DA)(GFL)(DG)(DG)(DT)
;
_entity_poly.pdbx_strand_id   A,B
#
loop_
_chem_comp.id
_chem_comp.type
_chem_comp.name
_chem_comp.formula
DA DNA linking 2'-DEOXYADENOSINE-5'-MONOPHOSPHATE 'C10 H14 N5 O6 P'
DG DNA linking 2'-DEOXYGUANOSINE-5'-MONOPHOSPHATE 'C10 H14 N5 O7 P'
DT DNA linking THYMIDINE-5'-MONOPHOSPHATE 'C10 H15 N2 O8 P'
GFL DNA linking 2-AMINO-9-(2-DEOXY-2-FLUORO-5-O-PHOSPHONO-BETA-D-ARABINOFURANOSYL)-1,9-DIHYDRO-6H-PURIN-6-ONE 'C10 H13 F N5 O7 P'
#
# COMPACT_ATOMS: atom_id res chain seq x y z
P GFL A 9 -5.31 1.12 -12.00
O1P GFL A 9 -5.98 -0.21 -11.96
O2P GFL A 9 -4.12 1.30 -12.84
O5' GFL A 9 -4.93 1.56 -10.50
C5' GFL A 9 -4.12 0.82 -9.61
C4' GFL A 9 -4.86 -0.42 -9.06
O4' GFL A 9 -4.13 -0.98 -7.96
C3' GFL A 9 -6.27 -0.09 -8.54
O3' GFL A 9 -7.21 -1.13 -8.86
C2' GFL A 9 -6.04 0.16 -7.05
C1' GFL A 9 -4.81 -0.71 -6.74
N9 GFL A 9 -3.88 -0.09 -5.75
C8 GFL A 9 -3.12 1.06 -5.89
N7 GFL A 9 -2.48 1.42 -4.81
C5 GFL A 9 -2.84 0.41 -3.93
C6 GFL A 9 -2.38 0.23 -2.57
O6 GFL A 9 -1.63 0.95 -1.93
N1 GFL A 9 -2.86 -0.92 -1.98
C2 GFL A 9 -3.70 -1.81 -2.59
N2 GFL A 9 -4.08 -2.86 -1.89
N3 GFL A 9 -4.14 -1.66 -3.86
C4 GFL A 9 -3.66 -0.53 -4.47
F GFL A 9 -5.75 1.51 -6.89
H5'1 GFL A 9 -3.85 1.46 -8.77
H5'2 GFL A 9 -3.20 0.50 -10.10
H4' GFL A 9 -4.91 -1.16 -9.85
H3' GFL A 9 -6.63 0.84 -8.98
H2' GFL A 9 -6.88 -0.11 -6.45
H1' GFL A 9 -5.17 -1.64 -6.32
H8 GFL A 9 -3.06 1.62 -6.81
HN1 GFL A 9 -2.54 -1.11 -1.03
HN21 GFL A 9 -3.77 -3.04 -0.92
HN22 GFL A 9 -4.75 -3.48 -2.30
P GFL B 9 6.22 -3.24 10.86
O1P GFL B 9 6.47 -4.46 10.05
O2P GFL B 9 6.94 -3.06 12.15
O5' GFL B 9 6.45 -1.93 9.93
C5' GFL B 9 6.09 -1.86 8.56
C4' GFL B 9 6.65 -0.57 7.90
O4' GFL B 9 6.24 -0.50 6.54
C3' GFL B 9 6.20 0.74 8.58
O3' GFL B 9 7.20 1.77 8.56
C2' GFL B 9 4.95 1.09 7.77
C1' GFL B 9 5.31 0.58 6.38
N9 GFL B 9 4.13 0.14 5.60
C8 GFL B 9 3.39 -1.02 5.75
N7 GFL B 9 2.37 -1.13 4.95
C5 GFL B 9 2.45 0.05 4.23
C6 GFL B 9 1.63 0.49 3.13
O6 GFL B 9 0.67 -0.09 2.64
N1 GFL B 9 2.03 1.69 2.58
C2 GFL B 9 3.09 2.42 3.01
N2 GFL B 9 3.33 3.57 2.41
N3 GFL B 9 3.90 2.04 4.03
C4 GFL B 9 3.53 0.83 4.59
F GFL B 9 3.86 0.40 8.28
H5'1 GFL B 9 5.00 -1.87 8.46
H5'2 GFL B 9 6.50 -2.72 8.03
H4' GFL B 9 7.74 -0.64 7.93
H3' GFL B 9 5.91 0.53 9.59
H2' GFL B 9 4.74 2.16 7.76
H1' GFL B 9 5.78 1.40 5.85
H8 GFL B 9 3.65 -1.77 6.47
HN1 GFL B 9 1.48 2.02 1.78
HN21 GFL B 9 2.79 3.91 1.61
HN22 GFL B 9 4.08 4.14 2.76
P GFL A 9 -5.17 0.71 -11.99
O1P GFL A 9 -6.13 -0.40 -11.85
O2P GFL A 9 -3.92 0.47 -12.77
O5' GFL A 9 -4.82 1.32 -10.54
C5' GFL A 9 -4.20 0.59 -9.49
C4' GFL A 9 -5.10 -0.49 -8.86
O4' GFL A 9 -4.43 -1.06 -7.74
C3' GFL A 9 -6.47 0.00 -8.37
O3' GFL A 9 -7.48 -0.99 -8.60
C2' GFL A 9 -6.20 0.33 -6.91
C1' GFL A 9 -5.06 -0.64 -6.53
N9 GFL A 9 -4.06 -0.06 -5.58
C8 GFL A 9 -3.28 1.07 -5.72
N7 GFL A 9 -2.52 1.35 -4.70
C5 GFL A 9 -2.83 0.32 -3.82
C6 GFL A 9 -2.26 0.05 -2.54
O6 GFL A 9 -1.39 0.68 -1.95
N1 GFL A 9 -2.77 -1.10 -1.94
C2 GFL A 9 -3.72 -1.90 -2.50
N2 GFL A 9 -4.10 -2.96 -1.79
N3 GFL A 9 -4.25 -1.68 -3.71
C4 GFL A 9 -3.76 -0.55 -4.33
F GFL A 9 -5.79 1.63 -6.84
H5'1 GFL A 9 -3.95 1.31 -8.71
H5'2 GFL A 9 -3.27 0.13 -9.83
H4' GFL A 9 -5.24 -1.27 -9.60
H3' GFL A 9 -6.75 0.93 -8.86
H2' GFL A 9 -7.08 0.17 -6.29
H1' GFL A 9 -5.48 -1.51 -6.05
H8 GFL A 9 -3.29 1.68 -6.62
HN1 GFL A 9 -2.42 -1.30 -1.00
HN21 GFL A 9 -3.73 -3.18 -0.87
HN22 GFL A 9 -4.83 -3.51 -2.20
P GFL B 9 5.53 -2.99 11.47
O1P GFL B 9 5.63 -4.27 10.74
O2P GFL B 9 6.37 -2.74 12.66
O5' GFL B 9 5.87 -1.77 10.48
C5' GFL B 9 5.58 -1.78 9.10
C4' GFL B 9 6.29 -0.59 8.43
O4' GFL B 9 6.05 -0.56 7.02
C3' GFL B 9 5.85 0.77 8.97
O3' GFL B 9 6.90 1.72 9.02
C2' GFL B 9 4.71 1.15 8.02
C1' GFL B 9 5.18 0.52 6.70
N9 GFL B 9 4.07 0.06 5.85
C8 GFL B 9 3.29 -1.08 6.02
N7 GFL B 9 2.31 -1.22 5.17
C5 GFL B 9 2.47 -0.08 4.39
C6 GFL B 9 1.71 0.32 3.24
O6 GFL B 9 0.76 -0.27 2.73
N1 GFL B 9 2.16 1.49 2.65
C2 GFL B 9 3.23 2.21 3.08
N2 GFL B 9 3.56 3.28 2.39
N3 GFL B 9 3.98 1.85 4.15
C4 GFL B 9 3.54 0.70 4.76
F GFL B 9 3.55 0.54 8.46
H5'1 GFL B 9 4.51 -1.73 8.94
H5'2 GFL B 9 5.96 -2.71 8.65
H4' GFL B 9 7.36 -0.70 8.62
H3' GFL B 9 5.43 0.63 9.97
H2' GFL B 9 4.58 2.22 7.93
H1' GFL B 9 5.74 1.29 6.16
H8 GFL B 9 3.49 -1.79 6.81
HN1 GFL B 9 1.66 1.77 1.81
HN21 GFL B 9 3.03 3.60 1.57
HN22 GFL B 9 4.38 3.77 2.68
P GFL A 9 -5.04 1.14 -11.99
O1P GFL A 9 -5.92 -0.04 -11.97
O2P GFL A 9 -3.76 1.09 -12.74
O5' GFL A 9 -4.70 1.54 -10.46
C5' GFL A 9 -4.05 0.65 -9.57
C4' GFL A 9 -4.95 -0.48 -9.05
O4' GFL A 9 -4.31 -1.15 -7.97
C3' GFL A 9 -6.34 -0.01 -8.55
O3' GFL A 9 -7.38 -0.92 -8.90
C2' GFL A 9 -6.09 0.17 -7.06
C1' GFL A 9 -4.93 -0.80 -6.74
N9 GFL A 9 -3.95 -0.26 -5.76
C8 GFL A 9 -3.16 0.86 -5.88
N7 GFL A 9 -2.49 1.19 -4.82
C5 GFL A 9 -2.85 0.18 -3.93
C6 GFL A 9 -2.39 -0.01 -2.59
O6 GFL A 9 -1.62 0.69 -1.95
N1 GFL A 9 -2.87 -1.18 -2.01
C2 GFL A 9 -3.72 -2.05 -2.61
N2 GFL A 9 -4.07 -3.11 -1.92
N3 GFL A 9 -4.19 -1.88 -3.87
C4 GFL A 9 -3.70 -0.74 -4.49
F GFL A 9 -5.69 1.48 -6.87
H5'1 GFL A 9 -3.72 1.25 -8.71
H5'2 GFL A 9 -3.17 0.23 -10.04
H4' GFL A 9 -5.09 -1.20 -9.87
H3' GFL A 9 -6.57 0.98 -8.98
H2' GFL A 9 -6.96 -0.06 -6.47
H1' GFL A 9 -5.36 -1.71 -6.30
H8 GFL A 9 -3.11 1.45 -6.79
HN1 GFL A 9 -2.55 -1.35 -1.05
HN21 GFL A 9 -3.74 -3.31 -0.97
HN22 GFL A 9 -4.74 -3.72 -2.34
P GFL B 9 5.73 -3.16 11.28
O1P GFL B 9 5.60 -4.36 10.43
O2P GFL B 9 6.62 -3.18 12.46
O5' GFL B 9 6.10 -1.90 10.35
C5' GFL B 9 5.68 -1.81 8.98
C4' GFL B 9 6.27 -0.55 8.31
O4' GFL B 9 5.93 -0.53 6.92
C3' GFL B 9 5.79 0.77 8.92
O3' GFL B 9 6.82 1.76 9.04
C2' GFL B 9 4.64 1.14 8.00
C1' GFL B 9 5.06 0.57 6.65
N9 GFL B 9 3.92 0.13 5.82
C8 GFL B 9 3.19 -1.04 5.94
N7 GFL B 9 2.19 -1.17 5.12
C5 GFL B 9 2.28 0.01 4.39
C6 GFL B 9 1.49 0.41 3.26
O6 GFL B 9 0.54 -0.18 2.76
N1 GFL B 9 1.92 1.59 2.67
C2 GFL B 9 2.97 2.33 3.12
N2 GFL B 9 3.26 3.44 2.46
N3 GFL B 9 3.73 1.98 4.18
C4 GFL B 9 3.34 0.79 4.77
F GFL B 9 3.48 0.51 8.46
H5'1 GFL B 9 4.59 -1.78 8.94
H5'2 GFL B 9 6.01 -2.69 8.44
H4' GFL B 9 7.36 -0.62 8.39
H3' GFL B 9 5.40 0.58 9.91
H2' GFL B 9 4.47 2.22 7.95
H1' GFL B 9 5.60 1.34 6.09
H8 GFL B 9 3.44 -1.80 6.68
HN1 GFL B 9 1.41 1.87 1.83
HN21 GFL B 9 2.74 3.76 1.64
HN22 GFL B 9 4.08 3.94 2.76
P GFL A 9 -5.00 0.95 -12.03
O1P GFL A 9 -5.74 -0.32 -11.97
O2P GFL A 9 -3.77 1.03 -12.85
O5' GFL A 9 -4.68 1.41 -10.53
C5' GFL A 9 -3.93 0.63 -9.63
C4' GFL A 9 -4.68 -0.63 -9.13
O4' GFL A 9 -3.97 -1.20 -8.02
C3' GFL A 9 -6.10 -0.32 -8.64
O3' GFL A 9 -6.99 -1.41 -8.91
C2' GFL A 9 -5.88 -0.05 -7.15
C1' GFL A 9 -4.68 -0.96 -6.82
N9 GFL A 9 -3.76 -0.36 -5.81
C8 GFL A 9 -2.96 0.76 -5.95
N7 GFL A 9 -2.28 1.09 -4.89
C5 GFL A 9 -2.67 0.11 -3.99
C6 GFL A 9 -2.24 -0.07 -2.64
O6 GFL A 9 -1.44 0.61 -2.01
N1 GFL A 9 -2.79 -1.18 -2.01
C2 GFL A 9 -3.68 -2.03 -2.60
N2 GFL A 9 -4.15 -3.03 -1.88
N3 GFL A 9 -4.10 -1.89 -3.88
C4 GFL A 9 -3.56 -0.80 -4.53
F GFL A 9 -5.55 1.29 -7.00
H5'1 GFL A 9 -3.68 1.25 -8.76
H5'2 GFL A 9 -2.98 0.32 -10.10
H4' GFL A 9 -4.70 -1.36 -9.93
H3' GFL A 9 -6.46 0.59 -9.09
H2' GFL A 9 -6.75 -0.30 -6.55
H1' GFL A 9 -5.08 -1.89 -6.42
H8 GFL A 9 -2.90 1.33 -6.87
HN1 GFL A 9 -2.53 -1.31 -1.04
HN21 GFL A 9 -3.86 -3.19 -0.90
HN22 GFL A 9 -4.86 -3.60 -2.27
P GFL B 9 6.03 -2.67 11.60
O1P GFL B 9 6.45 -3.93 10.96
O2P GFL B 9 6.69 -2.23 12.86
O5' GFL B 9 6.17 -1.48 10.51
C5' GFL B 9 5.76 -1.62 9.16
C4' GFL B 9 6.40 -0.53 8.29
O4' GFL B 9 6.03 -0.64 6.92
C3' GFL B 9 6.07 0.91 8.71
O3' GFL B 9 7.18 1.79 8.46
C2' GFL B 9 4.83 1.21 7.84
C1' GFL B 9 5.20 0.46 6.55
N9 GFL B 9 4.01 0.02 5.78
C8 GFL B 9 3.22 -1.09 5.96
N7 GFL B 9 2.21 -1.21 5.15
C5 GFL B 9 2.36 -0.07 4.36
C6 GFL B 9 1.58 0.35 3.24
O6 GFL B 9 0.59 -0.21 2.76
N1 GFL B 9 2.05 1.50 2.62
C2 GFL B 9 3.14 2.20 3.05
N2 GFL B 9 3.44 3.30 2.37
N3 GFL B 9 3.90 1.83 4.09
C4 GFL B 9 3.46 0.68 4.71
F GFL B 9 3.70 0.66 8.42
H5'1 GFL B 9 4.66 -1.55 9.09
H5'2 GFL B 9 6.07 -2.58 8.77
H4' GFL B 9 7.48 -0.65 8.37
H3' GFL B 9 5.77 0.93 9.76
H2' GFL B 9 4.70 2.27 7.66
H1' GFL B 9 5.74 1.15 5.91
H8 GFL B 9 3.44 -1.83 6.72
HN1 GFL B 9 1.55 1.77 1.77
HN21 GFL B 9 2.90 3.64 1.57
HN22 GFL B 9 4.25 3.81 2.67
P GFL A 9 -5.52 0.97 -12.05
O1P GFL A 9 -5.94 -0.45 -11.96
O2P GFL A 9 -4.45 1.33 -12.99
O5' GFL A 9 -5.14 1.49 -10.57
C5' GFL A 9 -4.28 0.76 -9.71
C4' GFL A 9 -4.94 -0.49 -9.09
O4' GFL A 9 -4.14 -1.01 -8.04
C3' GFL A 9 -6.33 -0.21 -8.50
O3' GFL A 9 -7.25 -1.29 -8.73
C2' GFL A 9 -6.02 0.09 -7.05
C1' GFL A 9 -4.76 -0.74 -6.79
N9 GFL A 9 -3.81 -0.11 -5.84
C8 GFL A 9 -3.04 1.03 -6.01
N7 GFL A 9 -2.35 1.39 -4.96
C5 GFL A 9 -2.69 0.40 -4.05
C6 GFL A 9 -2.20 0.22 -2.71
O6 GFL A 9 -1.41 0.93 -2.10
N1 GFL A 9 -2.67 -0.93 -2.10
C2 GFL A 9 -3.55 -1.80 -2.67
N2 GFL A 9 -3.91 -2.85 -1.94
N3 GFL A 9 -4.02 -1.66 -3.91
C4 GFL A 9 -3.55 -0.54 -4.56
F GFL A 9 -5.74 1.44 -6.93
H5'1 GFL A 9 -3.99 1.42 -8.91
H5'2 GFL A 9 -3.39 0.46 -10.26
H4' GFL A 9 -5.01 -1.27 -9.86
H3' GFL A 9 -6.74 0.70 -8.95
H2' GFL A 9 -6.82 -0.19 -6.38
H1' GFL A 9 -5.08 -1.69 -6.35
H8 GFL A 9 -3.02 1.57 -6.93
HN1 GFL A 9 -2.32 -1.11 -1.16
HN21 GFL A 9 -3.58 -3.01 -0.99
HN22 GFL A 9 -4.59 -3.46 -2.34
P GFL B 9 5.47 -2.96 10.81
O1P GFL B 9 5.11 -4.09 9.93
O2P GFL B 9 6.40 -3.14 11.95
O5' GFL B 9 6.12 -1.77 9.93
C5' GFL B 9 5.93 -1.68 8.53
C4' GFL B 9 6.61 -0.41 7.98
O4' GFL B 9 6.36 -0.23 6.59
C3' GFL B 9 6.09 0.85 8.68
O3' GFL B 9 7.09 1.86 8.90
C2' GFL B 9 4.92 1.27 7.80
C1' GFL B 9 5.39 0.79 6.41
N9 GFL B 9 4.27 0.30 5.57
C8 GFL B 9 3.57 -0.87 5.70
N7 GFL B 9 2.61 -1.05 4.83
C5 GFL B 9 2.71 0.12 4.08
C6 GFL B 9 1.95 0.52 2.93
O6 GFL B 9 1.04 -0.11 2.39
N1 GFL B 9 2.32 1.73 2.40
C2 GFL B 9 3.32 2.52 2.90
N2 GFL B 9 3.55 3.67 2.30
N3 GFL B 9 4.06 2.17 3.96
C4 GFL B 9 3.71 0.96 4.50
F GFL B 9 3.80 0.58 8.21
H5'1 GFL B 9 4.86 -1.66 8.32
H5'2 GFL B 9 6.36 -2.55 8.04
H4' GFL B 9 7.68 -0.49 8.15
H3' GFL B 9 5.71 0.56 9.64
H2' GFL B 9 4.73 2.34 7.81
H1' GFL B 9 5.84 1.64 5.90
H8 GFL B 9 3.81 -1.61 6.45
HN1 GFL B 9 1.79 2.05 1.59
HN21 GFL B 9 3.02 3.99 1.48
HN22 GFL B 9 4.20 4.29 2.73
P GFL A 9 -5.89 1.84 -11.90
O1P GFL A 9 -5.09 0.69 -12.37
O2P GFL A 9 -5.79 3.12 -12.63
O5' GFL A 9 -5.48 2.12 -10.36
C5' GFL A 9 -4.51 1.35 -9.66
C4' GFL A 9 -4.93 -0.11 -9.33
O4' GFL A 9 -3.97 -0.63 -8.40
C3' GFL A 9 -6.29 -0.24 -8.64
O3' GFL A 9 -7.00 -1.44 -8.94
C2' GFL A 9 -5.93 -0.05 -7.16
C1' GFL A 9 -4.53 -0.68 -7.08
N9 GFL A 9 -3.67 -0.03 -6.06
C8 GFL A 9 -3.03 1.19 -6.12
N7 GFL A 9 -2.46 1.57 -5.02
C5 GFL A 9 -2.71 0.50 -4.18
C6 GFL A 9 -2.25 0.30 -2.83
O6 GFL A 9 -1.56 1.04 -2.16
N1 GFL A 9 -2.66 -0.90 -2.27
C2 GFL A 9 -3.44 -1.81 -2.93
N2 GFL A 9 -3.82 -2.86 -2.23
N3 GFL A 9 -3.85 -1.67 -4.20
C4 GFL A 9 -3.44 -0.50 -4.78
F GFL A 9 -5.86 1.30 -6.88
H5'1 GFL A 9 -4.31 1.87 -8.73
H5'2 GFL A 9 -3.59 1.31 -10.23
H4' GFL A 9 -4.93 -0.69 -10.24
H3' GFL A 9 -6.90 0.60 -8.93
H2' GFL A 9 -6.62 -0.54 -6.48
H1' GFL A 9 -4.64 -1.72 -6.79
H8 GFL A 9 -3.01 1.79 -7.02
HN1 GFL A 9 -2.33 -1.07 -1.33
HN21 GFL A 9 -3.62 -2.99 -1.23
HN22 GFL A 9 -4.46 -3.50 -2.67
P GFL B 9 5.36 -3.77 10.22
O1P GFL B 9 5.01 -4.69 9.10
O2P GFL B 9 6.39 -4.15 11.21
O5' GFL B 9 5.82 -2.35 9.61
C5' GFL B 9 5.49 -1.97 8.28
C4' GFL B 9 6.22 -0.68 7.85
O4' GFL B 9 5.95 -0.42 6.49
C3' GFL B 9 5.84 0.58 8.64
O3' GFL B 9 6.93 1.49 8.78
C2' GFL B 9 4.67 1.10 7.81
C1' GFL B 9 5.03 0.67 6.39
N9 GFL B 9 3.84 0.25 5.60
C8 GFL B 9 3.03 -0.84 5.78
N7 GFL B 9 1.97 -0.90 5.02
C5 GFL B 9 2.14 0.24 4.23
C6 GFL B 9 1.36 0.66 3.12
O6 GFL B 9 0.35 0.12 2.65
N1 GFL B 9 1.84 1.79 2.49
C2 GFL B 9 2.97 2.46 2.88
N2 GFL B 9 3.32 3.51 2.17
N3 GFL B 9 3.75 2.07 3.91
C4 GFL B 9 3.28 0.95 4.54
F GFL B 9 3.52 0.48 8.26
H5'1 GFL B 9 4.42 -1.83 8.22
H5'2 GFL B 9 5.78 -2.77 7.60
H4' GFL B 9 7.29 -0.86 7.96
H3' GFL B 9 5.44 0.30 9.62
H2' GFL B 9 4.56 2.19 7.87
H1' GFL B 9 5.52 1.49 5.87
H8 GFL B 9 3.23 -1.59 6.54
HN1 GFL B 9 1.37 2.06 1.63
HN21 GFL B 9 2.78 3.88 1.38
HN22 GFL B 9 4.17 3.97 2.44
P GFL A 9 -6.77 1.70 -11.40
O1P GFL A 9 -7.34 0.39 -11.77
O2P GFL A 9 -6.75 2.76 -12.43
O5' GFL A 9 -5.26 1.51 -10.83
C5' GFL A 9 -4.91 1.13 -9.49
C4' GFL A 9 -5.40 -0.26 -8.99
O4' GFL A 9 -4.48 -0.73 -8.00
C3' GFL A 9 -6.79 -0.31 -8.32
O3' GFL A 9 -7.52 -1.53 -8.57
C2' GFL A 9 -6.45 -0.01 -6.86
C1' GFL A 9 -5.09 -0.69 -6.70
N9 GFL A 9 -4.19 -0.04 -5.70
C8 GFL A 9 -3.58 1.20 -5.77
N7 GFL A 9 -2.86 1.53 -4.72
C5 GFL A 9 -3.02 0.41 -3.92
C6 GFL A 9 -2.41 0.14 -2.64
O6 GFL A 9 -1.62 0.84 -2.03
N1 GFL A 9 -2.79 -1.07 -2.09
C2 GFL A 9 -3.64 -1.96 -2.68
N2 GFL A 9 -3.94 -3.06 -2.02
N3 GFL A 9 -4.17 -1.75 -3.90
C4 GFL A 9 -3.83 -0.55 -4.47
F GFL A 9 -6.31 1.36 -6.67
H5'1 GFL A 9 -5.23 1.89 -8.80
H5'2 GFL A 9 -3.82 1.09 -9.46
H4' GFL A 9 -5.38 -0.94 -9.83
H3' GFL A 9 -7.40 0.52 -8.68
H2' GFL A 9 -7.17 -0.40 -6.16
H1' GFL A 9 -5.27 -1.71 -6.35
H8 GFL A 9 -3.69 1.86 -6.61
HN1 GFL A 9 -2.39 -1.28 -1.17
HN21 GFL A 9 -3.61 -3.26 -1.07
HN22 GFL A 9 -4.57 -3.70 -2.46
P GFL B 9 5.90 -3.18 11.03
O1P GFL B 9 6.19 -4.29 10.10
O2P GFL B 9 6.72 -3.04 12.26
O5' GFL B 9 6.05 -1.78 10.23
C5' GFL B 9 5.69 -1.66 8.85
C4' GFL B 9 6.20 -0.32 8.31
O4' GFL B 9 5.95 -0.17 6.91
C3' GFL B 9 5.62 0.92 9.00
O3' GFL B 9 6.59 1.96 9.21
C2' GFL B 9 4.44 1.27 8.09
C1' GFL B 9 4.96 0.84 6.71
N9 GFL B 9 3.89 0.32 5.81
C8 GFL B 9 3.19 -0.87 5.92
N7 GFL B 9 2.27 -1.05 5.02
C5 GFL B 9 2.38 0.11 4.27
C6 GFL B 9 1.64 0.47 3.09
O6 GFL B 9 0.76 -0.17 2.52
N1 GFL B 9 2.04 1.68 2.53
C2 GFL B 9 3.04 2.47 3.02
N2 GFL B 9 3.32 3.58 2.37
N3 GFL B 9 3.75 2.14 4.12
C4 GFL B 9 3.37 0.95 4.70
F GFL B 9 3.35 0.50 8.45
H5'1 GFL B 9 4.61 -1.73 8.73
H5'2 GFL B 9 6.16 -2.47 8.28
H4' GFL B 9 7.29 -0.31 8.44
H3' GFL B 9 5.20 0.62 9.96
H2' GFL B 9 4.19 2.32 8.11
H1' GFL B 9 5.39 1.71 6.23
H8 GFL B 9 3.42 -1.59 6.69
HN1 GFL B 9 1.51 1.98 1.71
HN21 GFL B 9 2.84 3.86 1.51
HN22 GFL B 9 4.02 4.17 2.77
P GFL A 9 -6.01 2.39 -11.44
O1P GFL A 9 -6.67 2.32 -12.76
O2P GFL A 9 -4.83 3.25 -11.30
O5' GFL A 9 -5.71 0.90 -10.90
C5' GFL A 9 -4.88 0.69 -9.77
C4' GFL A 9 -5.23 -0.62 -9.05
O4' GFL A 9 -4.27 -0.90 -8.02
C3' GFL A 9 -6.61 -0.62 -8.37
O3' GFL A 9 -7.28 -1.88 -8.52
C2' GFL A 9 -6.26 -0.19 -6.95
C1' GFL A 9 -4.90 -0.85 -6.74
N9 GFL A 9 -4.03 -0.15 -5.75
C8 GFL A 9 -3.37 1.05 -5.88
N7 GFL A 9 -2.73 1.46 -4.81
C5 GFL A 9 -2.97 0.42 -3.93
C6 GFL A 9 -2.48 0.25 -2.59
O6 GFL A 9 -1.76 1.03 -1.96
N1 GFL A 9 -2.82 -0.94 -2.00
C2 GFL A 9 -3.62 -1.88 -2.60
N2 GFL A 9 -3.91 -2.96 -1.89
N3 GFL A 9 -4.10 -1.77 -3.85
C4 GFL A 9 -3.74 -0.59 -4.47
F GFL A 9 -6.14 1.18 -6.87
H5'1 GFL A 9 -5.00 1.52 -9.08
H5'2 GFL A 9 -3.84 0.66 -10.09
H4' GFL A 9 -5.21 -1.43 -9.78
H3' GFL A 9 -7.23 0.17 -8.80
H2' GFL A 9 -6.99 -0.53 -6.20
H1' GFL A 9 -5.05 -1.86 -6.37
H8 GFL A 9 -3.40 1.62 -6.79
HN1 GFL A 9 -2.45 -1.10 -1.06
HN21 GFL A 9 -3.59 -3.10 -0.92
HN22 GFL A 9 -4.55 -3.61 -2.30
P GFL B 9 5.42 -2.25 11.22
O1P GFL B 9 4.58 -3.43 10.90
O2P GFL B 9 6.25 -2.24 12.44
O5' GFL B 9 6.34 -1.81 9.97
C5' GFL B 9 5.79 -1.55 8.68
C4' GFL B 9 6.34 -0.22 8.13
O4' GFL B 9 5.98 -0.09 6.76
C3' GFL B 9 5.83 1.03 8.87
O3' GFL B 9 6.83 2.04 9.06
C2' GFL B 9 4.64 1.45 8.01
C1' GFL B 9 5.03 0.96 6.60
N9 GFL B 9 3.88 0.49 5.80
C8 GFL B 9 3.13 -0.64 5.97
N7 GFL B 9 2.13 -0.79 5.15
C5 GFL B 9 2.23 0.36 4.38
C6 GFL B 9 1.43 0.75 3.26
O6 GFL B 9 0.48 0.14 2.76
N1 GFL B 9 1.84 1.92 2.64
C2 GFL B 9 2.93 2.64 3.05
N2 GFL B 9 3.24 3.71 2.33
N3 GFL B 9 3.71 2.30 4.10
C4 GFL B 9 3.31 1.14 4.72
F GFL B 9 3.52 0.76 8.45
H5'1 GFL B 9 4.71 -1.52 8.73
H5'2 GFL B 9 6.08 -2.37 8.01
H4' GFL B 9 7.43 -0.25 8.21
H3' GFL B 9 5.44 0.74 9.85
H2' GFL B 9 4.45 2.51 8.01
H1' GFL B 9 5.50 1.78 6.05
H8 GFL B 9 3.35 -1.37 6.75
HN1 GFL B 9 1.30 2.22 1.83
HN21 GFL B 9 2.73 4.00 1.50
HN22 GFL B 9 4.07 4.20 2.59
P GFL A 9 -5.19 3.17 -10.88
O1P GFL A 9 -5.51 3.44 -12.30
O2P GFL A 9 -4.16 3.98 -10.18
O5' GFL A 9 -4.85 1.60 -10.69
C5' GFL A 9 -4.15 1.14 -9.54
C4' GFL A 9 -4.62 -0.27 -9.12
O4' GFL A 9 -3.82 -0.74 -8.05
C3' GFL A 9 -6.07 -0.33 -8.64
O3' GFL A 9 -6.72 -1.58 -8.91
C2' GFL A 9 -5.92 -0.02 -7.14
C1' GFL A 9 -4.56 -0.67 -6.83
N9 GFL A 9 -3.78 0.03 -5.78
C8 GFL A 9 -3.15 1.26 -5.85
N7 GFL A 9 -2.52 1.61 -4.76
C5 GFL A 9 -2.77 0.53 -3.93
C6 GFL A 9 -2.28 0.28 -2.60
O6 GFL A 9 -1.53 1.01 -1.94
N1 GFL A 9 -2.70 -0.91 -2.05
C2 GFL A 9 -3.48 -1.81 -2.71
N2 GFL A 9 -3.82 -2.90 -2.04
N3 GFL A 9 -3.91 -1.65 -3.96
C4 GFL A 9 -3.52 -0.45 -4.52
F GFL A 9 -5.86 1.34 -6.94
H5'1 GFL A 9 -4.31 1.83 -8.72
H5'2 GFL A 9 -3.08 1.11 -9.76
H4' GFL A 9 -4.50 -0.94 -9.98
H3' GFL A 9 -6.64 0.49 -9.10
H2' GFL A 9 -6.71 -0.46 -6.54
H1' GFL A 9 -4.78 -1.68 -6.48
H8 GFL A 9 -3.19 1.88 -6.73
HN1 GFL A 9 -2.38 -1.11 -1.11
HN21 GFL A 9 -3.57 -3.06 -1.06
HN22 GFL A 9 -4.50 -3.50 -2.47
P GFL B 9 5.77 -3.15 11.24
O1P GFL B 9 6.07 -4.36 10.43
O2P GFL B 9 6.59 -2.83 12.42
O5' GFL B 9 5.91 -1.87 10.29
C5' GFL B 9 5.53 -1.89 8.92
C4' GFL B 9 6.19 -0.70 8.23
O4' GFL B 9 5.87 -0.70 6.85
C3' GFL B 9 5.79 0.67 8.81
O3' GFL B 9 6.89 1.58 8.80
C2' GFL B 9 4.62 1.06 7.90
C1' GFL B 9 5.03 0.41 6.57
N9 GFL B 9 3.86 -0.01 5.78
C8 GFL B 9 3.02 -1.09 5.97
N7 GFL B 9 2.03 -1.17 5.14
C5 GFL B 9 2.23 -0.05 4.35
C6 GFL B 9 1.49 0.39 3.21
O6 GFL B 9 0.48 -0.14 2.71
N1 GFL B 9 2.03 1.49 2.56
C2 GFL B 9 3.16 2.14 3.00
N2 GFL B 9 3.56 3.19 2.29
N3 GFL B 9 3.87 1.77 4.06
C4 GFL B 9 3.36 0.65 4.69
F GFL B 9 3.47 0.47 8.40
H5'1 GFL B 9 4.44 -1.84 8.83
H5'2 GFL B 9 5.88 -2.81 8.45
H4' GFL B 9 7.27 -0.81 8.34
H3' GFL B 9 5.39 0.56 9.81
H2' GFL B 9 4.51 2.13 7.81
H1' GFL B 9 5.59 1.16 6.00
H8 GFL B 9 3.19 -1.82 6.76
HN1 GFL B 9 1.58 1.77 1.69
HN21 GFL B 9 3.05 3.55 1.48
HN22 GFL B 9 4.39 3.64 2.62
P GFL A 9 -5.68 2.78 -10.81
O1P GFL A 9 -6.20 3.05 -12.17
O2P GFL A 9 -4.61 3.63 -10.26
O5' GFL A 9 -5.24 1.24 -10.68
C5' GFL A 9 -4.40 0.79 -9.61
C4' GFL A 9 -4.83 -0.57 -9.06
O4' GFL A 9 -3.96 -0.95 -8.00
C3' GFL A 9 -6.26 -0.57 -8.45
O3' GFL A 9 -6.88 -1.85 -8.53
C2' GFL A 9 -6.00 -0.13 -7.02
C1' GFL A 9 -4.64 -0.81 -6.76
N9 GFL A 9 -3.79 -0.10 -5.77
C8 GFL A 9 -3.11 1.09 -5.89
N7 GFL A 9 -2.41 1.44 -4.85
C5 GFL A 9 -2.67 0.39 -3.98
C6 GFL A 9 -2.13 0.16 -2.67
O6 GFL A 9 -1.31 0.84 -2.06
N1 GFL A 9 -2.62 -0.98 -2.05
C2 GFL A 9 -3.51 -1.84 -2.63
N2 GFL A 9 -3.95 -2.85 -1.90
N3 GFL A 9 -3.98 -1.69 -3.88
C4 GFL A 9 -3.52 -0.56 -4.50
F GFL A 9 -5.88 1.25 -6.92
H5'1 GFL A 9 -4.41 1.53 -8.81
H5'2 GFL A 9 -3.37 0.72 -9.97
H4' GFL A 9 -4.77 -1.30 -9.85
H3' GFL A 9 -6.85 0.18 -8.97
H2' GFL A 9 -6.75 -0.48 -6.32
H1' GFL A 9 -4.87 -1.80 -6.36
H8 GFL A 9 -3.15 1.69 -6.80
HN1 GFL A 9 -2.31 -1.16 -1.09
HN21 GFL A 9 -3.67 -3.00 -0.93
HN22 GFL A 9 -4.67 -3.43 -2.30
P GFL B 9 5.63 -2.94 11.39
O1P GFL B 9 5.99 -4.25 10.82
O2P GFL B 9 6.16 -2.56 12.72
O5' GFL B 9 6.01 -1.75 10.35
C5' GFL B 9 5.68 -1.76 8.96
C4' GFL B 9 6.38 -0.60 8.22
O4' GFL B 9 6.11 -0.64 6.83
C3' GFL B 9 5.97 0.79 8.72
O3' GFL B 9 7.05 1.73 8.70
C2' GFL B 9 4.83 1.16 7.78
C1' GFL B 9 5.28 0.48 6.48
N9 GFL B 9 4.14 0.03 5.64
C8 GFL B 9 3.36 -1.09 5.81
N7 GFL B 9 2.36 -1.19 4.97
C5 GFL B 9 2.54 -0.05 4.19
C6 GFL B 9 1.80 0.36 3.03
O6 GFL B 9 0.83 -0.20 2.52
N1 GFL B 9 2.29 1.51 2.42
C2 GFL B 9 3.37 2.21 2.88
N2 GFL B 9 3.72 3.29 2.21
N3 GFL B 9 4.08 1.84 3.96
C4 GFL B 9 3.63 0.70 4.56
F GFL B 9 3.66 0.58 8.24
H5'1 GFL B 9 4.61 -1.68 8.83
H5'2 GFL B 9 6.02 -2.69 8.51
H4' GFL B 9 7.45 -0.71 8.36
H3' GFL B 9 5.58 0.71 9.73
H2' GFL B 9 4.70 2.22 7.64
H1' GFL B 9 5.85 1.20 5.89
H8 GFL B 9 3.55 -1.82 6.57
HN1 GFL B 9 1.83 1.80 1.56
HN21 GFL B 9 3.21 3.63 1.39
HN22 GFL B 9 4.52 3.79 2.56
#